data_5U92
#
_entry.id   5U92
#
_cell.length_a   48.090
_cell.length_b   61.450
_cell.length_c   60.600
_cell.angle_alpha   90.00
_cell.angle_beta   95.75
_cell.angle_gamma   90.00
#
_symmetry.space_group_name_H-M   'P 1 21 1'
#
loop_
_entity.id
_entity.type
_entity.pdbx_description
1 polymer 'arginine kinase'
2 non-polymer ARGININE
3 non-polymer 'SODIUM ION'
4 water water
#
_entity_poly.entity_id   1
_entity_poly.type   'polypeptide(L)'
_entity_poly.pdbx_seq_one_letter_code
;MGSHHHHHHHHHHSSGHLEVLFQGPSHMVDQATLDKLEAGFKKLQDATD(CSO)KSLLKKYLNREVFDQCKSLKTALGAT
LLDCIQSGVENLDSGVGIYAPDAEAYTLFAPIFNPIIEDYHEGFKPTDKHPPTDFGDINTIVNVDPSGKYVVSTHVRCGR
SLKGYPFNPCLTEANYKEMEDKVSAIFGTFEGELKGKYYPLTGMDKATQQQLIDDHFLFKEGDRFLQAANACRYWPTGRG
IYHNDAKTFLVWVNEEDHLRIISMQKGGDLKTIFQRLVNAVNTIESKLPFSRDDRLGFLTFCPTNLGTTIRASVHIALPK
LAKDKKQLEAIAAKFNLQVRGTRGEHTESEGGVYDISNKRRMGLTEYQAVKEMQDGILEMIKMEEAAP
;
_entity_poly.pdbx_strand_id   A
#
# COMPACT_ATOMS: atom_id res chain seq x y z
N MET A 28 22.40 1.75 21.30
CA MET A 28 21.49 1.62 22.48
C MET A 28 20.32 2.60 22.39
N VAL A 29 19.18 2.19 22.95
CA VAL A 29 18.00 3.06 22.99
C VAL A 29 18.20 4.06 24.12
N ASP A 30 17.88 5.33 23.87
CA ASP A 30 18.04 6.34 24.89
C ASP A 30 16.94 6.21 25.92
N GLN A 31 17.24 6.68 27.13
CA GLN A 31 16.31 6.53 28.24
C GLN A 31 15.01 7.29 27.99
N ALA A 32 15.07 8.38 27.23
CA ALA A 32 13.87 9.14 26.90
C ALA A 32 12.89 8.32 26.07
N THR A 33 13.41 7.57 25.08
CA THR A 33 12.58 6.67 24.29
C THR A 33 12.05 5.52 25.13
N LEU A 34 12.88 4.96 26.01
CA LEU A 34 12.44 3.89 26.88
C LEU A 34 11.30 4.36 27.78
N ASP A 35 11.39 5.60 28.27
CA ASP A 35 10.33 6.15 29.11
C ASP A 35 9.04 6.35 28.33
N LYS A 36 9.12 6.85 27.10
CA LYS A 36 7.93 6.98 26.28
C LYS A 36 7.34 5.61 25.98
N LEU A 37 8.20 4.64 25.71
CA LEU A 37 7.74 3.29 25.43
C LEU A 37 6.95 2.74 26.60
N GLU A 38 7.51 2.86 27.81
CA GLU A 38 6.82 2.37 29.00
C GLU A 38 5.50 3.08 29.23
N ALA A 39 5.46 4.39 28.94
CA ALA A 39 4.22 5.14 29.08
C ALA A 39 3.21 4.71 28.03
N GLY A 40 3.68 4.41 26.82
CA GLY A 40 2.80 3.91 25.79
C GLY A 40 2.24 2.55 26.14
N PHE A 41 3.10 1.62 26.58
CA PHE A 41 2.64 0.28 26.91
C PHE A 41 1.54 0.34 27.94
N LYS A 42 1.75 1.11 29.01
CA LYS A 42 0.73 1.27 30.05
C LYS A 42 -0.53 1.89 29.49
N LYS A 43 -0.38 2.88 28.61
CA LYS A 43 -1.56 3.53 28.04
C LYS A 43 -2.42 2.55 27.23
N LEU A 44 -1.78 1.58 26.58
CA LEU A 44 -2.53 0.59 25.82
C LEU A 44 -3.21 -0.42 26.73
N GLN A 45 -2.60 -0.77 27.87
CA GLN A 45 -3.27 -1.66 28.83
C GLN A 45 -4.41 -0.96 29.56
N ASP A 46 -4.34 0.36 29.74
CA ASP A 46 -5.41 1.06 30.44
C ASP A 46 -6.59 1.40 29.55
N ALA A 47 -6.44 1.24 28.23
CA ALA A 47 -7.52 1.46 27.27
C ALA A 47 -8.25 0.15 27.04
N THR A 48 -9.09 -0.22 28.01
CA THR A 48 -9.76 -1.51 27.98
C THR A 48 -10.61 -1.66 26.73
N ASP A 49 -11.10 -0.55 26.18
CA ASP A 49 -11.98 -0.57 25.02
C ASP A 49 -11.24 -0.41 23.69
N LYS A 51 -9.09 -1.63 20.51
CA LYS A 51 -9.22 -2.87 19.78
C LYS A 51 -8.22 -3.03 18.64
N SER A 52 -7.09 -2.34 18.71
CA SER A 52 -6.13 -2.44 17.61
C SER A 52 -5.40 -3.77 17.67
N LEU A 53 -4.84 -4.19 16.53
CA LEU A 53 -3.92 -5.33 16.55
C LEU A 53 -2.70 -5.03 17.41
N LEU A 54 -2.24 -3.77 17.45
CA LEU A 54 -1.10 -3.46 18.31
C LEU A 54 -1.37 -3.88 19.74
N LYS A 55 -2.54 -3.51 20.25
CA LYS A 55 -2.86 -3.80 21.64
C LYS A 55 -3.02 -5.29 21.84
N LYS A 56 -3.57 -5.96 20.83
CA LYS A 56 -3.87 -7.38 20.95
C LYS A 56 -2.60 -8.17 21.16
N TYR A 57 -1.55 -7.84 20.42
CA TYR A 57 -0.35 -8.64 20.44
C TYR A 57 0.81 -8.01 21.20
N LEU A 58 0.75 -6.74 21.61
CA LEU A 58 1.87 -6.16 22.34
C LEU A 58 1.74 -6.45 23.84
N ASN A 59 1.97 -7.70 24.20
CA ASN A 59 1.93 -8.03 25.61
C ASN A 59 3.29 -7.71 26.23
N ARG A 60 3.41 -7.98 27.54
CA ARG A 60 4.57 -7.48 28.28
C ARG A 60 5.85 -8.14 27.78
N GLU A 61 5.78 -9.44 27.47
CA GLU A 61 6.97 -10.17 27.06
C GLU A 61 7.41 -9.75 25.66
N VAL A 62 6.46 -9.55 24.75
CA VAL A 62 6.81 -9.07 23.42
C VAL A 62 7.41 -7.69 23.53
N PHE A 63 6.81 -6.85 24.37
CA PHE A 63 7.33 -5.52 24.64
C PHE A 63 8.73 -5.57 25.23
N ASP A 64 8.97 -6.46 26.21
CA ASP A 64 10.29 -6.53 26.82
C ASP A 64 11.32 -7.11 25.86
N GLN A 65 10.90 -7.98 24.96
CA GLN A 65 11.79 -8.42 23.89
C GLN A 65 12.28 -7.27 23.03
N CYS A 66 11.40 -6.32 22.73
CA CYS A 66 11.62 -5.40 21.61
C CYS A 66 12.11 -4.01 22.03
N LYS A 67 11.81 -3.57 23.25
CA LYS A 67 11.91 -2.16 23.61
C LYS A 67 13.34 -1.62 23.55
N SER A 68 14.36 -2.47 23.71
CA SER A 68 15.74 -2.01 23.75
C SER A 68 16.48 -2.25 22.45
N LEU A 69 15.78 -2.61 21.40
CA LEU A 69 16.39 -2.85 20.11
C LEU A 69 16.39 -1.57 19.26
N LYS A 70 17.33 -1.53 18.33
CA LYS A 70 17.51 -0.38 17.45
C LYS A 70 18.15 -0.89 16.15
N THR A 71 17.54 -0.54 15.02
CA THR A 71 18.04 -0.88 13.70
C THR A 71 19.34 -0.15 13.40
N ALA A 72 19.99 -0.56 12.31
CA ALA A 72 21.24 0.06 11.91
C ALA A 72 21.06 1.51 11.48
N LEU A 73 19.89 1.89 10.98
CA LEU A 73 19.60 3.27 10.59
C LEU A 73 19.08 4.12 11.75
N GLY A 74 18.93 3.53 12.94
CA GLY A 74 18.56 4.25 14.15
C GLY A 74 17.12 4.12 14.62
N ALA A 75 16.28 3.35 13.93
CA ALA A 75 14.89 3.20 14.32
C ALA A 75 14.73 2.34 15.57
N THR A 76 13.85 2.78 16.46
CA THR A 76 13.50 2.09 17.68
C THR A 76 12.06 1.55 17.63
N LEU A 77 11.68 0.84 18.68
CA LEU A 77 10.32 0.32 18.76
C LEU A 77 9.31 1.44 18.78
N LEU A 78 9.68 2.58 19.34
CA LEU A 78 8.79 3.74 19.34
C LEU A 78 8.51 4.24 17.93
N ASP A 79 9.51 4.20 17.05
CA ASP A 79 9.31 4.53 15.64
C ASP A 79 8.42 3.53 14.92
N CYS A 80 8.06 2.39 15.54
CA CYS A 80 7.05 1.46 15.06
C CYS A 80 5.66 1.74 15.65
N ILE A 81 5.56 1.86 16.98
CA ILE A 81 4.26 1.75 17.63
C ILE A 81 3.66 3.08 18.02
N GLN A 82 4.36 4.19 17.80
CA GLN A 82 3.88 5.45 18.38
C GLN A 82 2.49 5.84 17.87
N SER A 83 2.20 5.58 16.60
CA SER A 83 0.91 5.99 16.07
C SER A 83 -0.24 5.22 16.70
N GLY A 84 -0.05 3.93 16.99
CA GLY A 84 -1.12 3.21 17.64
C GLY A 84 -1.21 3.51 19.11
N VAL A 85 -0.15 4.08 19.68
CA VAL A 85 -0.24 4.55 21.06
C VAL A 85 -1.00 5.87 21.10
N GLU A 86 -0.77 6.74 20.13
CA GLU A 86 -1.43 8.04 20.11
C GLU A 86 -2.86 7.99 19.58
N ASN A 87 -3.17 7.10 18.63
CA ASN A 87 -4.53 6.93 18.06
C ASN A 87 -5.05 5.55 18.49
N LEU A 88 -5.75 5.51 19.62
CA LEU A 88 -6.20 4.21 20.15
C LEU A 88 -7.32 3.60 19.31
N ASP A 89 -7.95 4.34 18.42
CA ASP A 89 -8.95 3.75 17.53
C ASP A 89 -8.33 3.15 16.27
N SER A 90 -7.00 3.10 16.17
CA SER A 90 -6.36 2.46 15.04
C SER A 90 -6.81 1.01 14.93
N GLY A 91 -7.01 0.54 13.70
CA GLY A 91 -7.35 -0.84 13.45
C GLY A 91 -6.13 -1.73 13.58
N VAL A 92 -4.97 -1.26 13.09
CA VAL A 92 -3.69 -1.99 13.15
C VAL A 92 -2.79 -1.36 14.20
N GLY A 93 -2.27 -0.16 13.96
CA GLY A 93 -1.59 0.58 15.00
C GLY A 93 -0.09 0.47 15.01
N ILE A 94 0.50 -0.12 13.97
CA ILE A 94 1.93 -0.26 13.88
C ILE A 94 2.35 0.03 12.44
N TYR A 95 3.54 0.60 12.30
CA TYR A 95 4.12 0.95 11.00
C TYR A 95 5.59 0.57 11.05
N ALA A 96 6.21 0.40 9.89
CA ALA A 96 7.63 0.05 9.81
C ALA A 96 8.46 1.30 9.56
N PRO A 97 9.44 1.63 10.40
CA PRO A 97 10.26 2.84 10.18
C PRO A 97 11.42 2.66 9.23
N ASP A 98 11.88 1.44 9.00
CA ASP A 98 12.85 1.09 7.97
C ASP A 98 12.72 -0.40 7.70
N ALA A 99 13.50 -0.89 6.73
CA ALA A 99 13.33 -2.26 6.27
C ALA A 99 13.78 -3.26 7.32
N GLU A 100 14.88 -2.97 8.01
CA GLU A 100 15.35 -3.83 9.07
C GLU A 100 14.31 -4.03 10.18
N ALA A 101 13.53 -3.00 10.50
CA ALA A 101 12.56 -3.08 11.60
C ALA A 101 11.63 -4.31 11.49
N TYR A 102 11.33 -4.77 10.27
CA TYR A 102 10.44 -5.92 10.15
C TYR A 102 11.08 -7.17 10.74
N THR A 103 12.38 -7.34 10.52
CA THR A 103 13.07 -8.50 11.09
C THR A 103 13.44 -8.27 12.55
N LEU A 104 14.08 -7.13 12.85
CA LEU A 104 14.53 -6.87 14.21
C LEU A 104 13.38 -6.88 15.20
N PHE A 105 12.22 -6.31 14.82
CA PHE A 105 11.04 -6.27 15.69
C PHE A 105 10.01 -7.35 15.32
N ALA A 106 10.46 -8.46 14.77
CA ALA A 106 9.56 -9.55 14.39
C ALA A 106 8.60 -9.99 15.50
N PRO A 107 8.95 -9.95 16.78
CA PRO A 107 8.03 -10.46 17.79
C PRO A 107 6.70 -9.74 17.85
N ILE A 108 6.64 -8.46 17.49
CA ILE A 108 5.37 -7.75 17.43
C ILE A 108 4.84 -7.67 16.01
N PHE A 109 5.69 -7.54 15.00
CA PHE A 109 5.21 -7.49 13.63
C PHE A 109 4.59 -8.82 13.23
N ASN A 110 5.26 -9.94 13.55
CA ASN A 110 4.80 -11.23 13.03
C ASN A 110 3.36 -11.58 13.41
N PRO A 111 2.94 -11.46 14.67
CA PRO A 111 1.53 -11.74 14.98
C PRO A 111 0.55 -10.75 14.37
N ILE A 112 0.93 -9.50 14.17
CA ILE A 112 0.00 -8.56 13.55
C ILE A 112 -0.15 -8.90 12.08
N ILE A 113 0.96 -9.23 11.43
CA ILE A 113 0.94 -9.63 10.02
C ILE A 113 0.05 -10.86 9.83
N GLU A 114 0.27 -11.89 10.65
CA GLU A 114 -0.56 -13.11 10.62
C GLU A 114 -2.05 -12.80 10.73
N ASP A 115 -2.42 -12.04 11.76
CA ASP A 115 -3.83 -11.68 11.96
C ASP A 115 -4.37 -10.92 10.77
N TYR A 116 -3.74 -9.81 10.38
CA TYR A 116 -4.29 -8.98 9.31
C TYR A 116 -4.38 -9.75 8.01
N HIS A 117 -3.35 -10.50 7.67
CA HIS A 117 -3.35 -11.21 6.38
C HIS A 117 -3.96 -12.62 6.49
N GLU A 118 -4.65 -12.91 7.60
CA GLU A 118 -5.56 -14.04 7.69
C GLU A 118 -4.86 -15.36 7.41
N GLY A 119 -3.85 -15.64 8.21
CA GLY A 119 -3.18 -16.92 8.21
C GLY A 119 -1.76 -16.92 7.67
N PHE A 120 -1.12 -15.75 7.57
CA PHE A 120 0.28 -15.70 7.13
C PHE A 120 1.12 -15.84 8.39
N LYS A 121 1.45 -17.08 8.73
CA LYS A 121 2.07 -17.43 9.99
C LYS A 121 3.50 -16.92 10.05
N PRO A 122 4.06 -16.81 11.27
CA PRO A 122 5.47 -16.41 11.41
C PRO A 122 6.44 -17.30 10.66
N THR A 123 6.08 -18.56 10.42
CA THR A 123 6.95 -19.51 9.73
C THR A 123 6.67 -19.55 8.23
N ASP A 124 5.67 -18.82 7.76
CA ASP A 124 5.32 -18.81 6.34
C ASP A 124 6.27 -17.91 5.56
N LYS A 125 6.24 -18.07 4.23
CA LYS A 125 7.16 -17.39 3.35
C LYS A 125 6.42 -16.94 2.08
N HIS A 126 6.66 -15.72 1.69
CA HIS A 126 5.98 -15.19 0.52
C HIS A 126 6.74 -15.61 -0.74
N PRO A 127 6.04 -15.91 -1.85
CA PRO A 127 6.75 -16.42 -3.06
C PRO A 127 7.65 -15.38 -3.69
N PRO A 128 8.62 -15.79 -4.51
CA PRO A 128 9.36 -14.81 -5.29
C PRO A 128 8.47 -14.07 -6.27
N THR A 129 8.94 -12.89 -6.69
CA THR A 129 8.17 -12.08 -7.63
C THR A 129 7.88 -12.82 -8.93
N ASP A 130 6.62 -12.73 -9.37
CA ASP A 130 6.22 -13.30 -10.65
C ASP A 130 4.98 -12.56 -11.17
N PHE A 131 5.15 -11.79 -12.23
CA PHE A 131 4.03 -11.13 -12.88
C PHE A 131 3.32 -12.06 -13.84
N GLY A 132 3.94 -13.19 -14.18
CA GLY A 132 3.23 -14.22 -14.90
C GLY A 132 3.09 -13.93 -16.37
N ASP A 133 2.23 -14.71 -17.00
CA ASP A 133 1.98 -14.68 -18.45
C ASP A 133 0.89 -13.65 -18.69
N ILE A 134 1.32 -12.45 -19.08
CA ILE A 134 0.38 -11.33 -19.24
C ILE A 134 -0.66 -11.63 -20.30
N ASN A 135 -0.36 -12.51 -21.25
CA ASN A 135 -1.31 -12.82 -22.30
C ASN A 135 -2.43 -13.76 -21.86
N THR A 136 -2.37 -14.35 -20.68
CA THR A 136 -3.54 -15.02 -20.16
C THR A 136 -4.49 -14.07 -19.43
N ILE A 137 -4.13 -12.80 -19.29
CA ILE A 137 -5.01 -11.83 -18.69
C ILE A 137 -5.99 -11.31 -19.75
N VAL A 138 -7.24 -11.12 -19.33
CA VAL A 138 -8.33 -10.81 -20.26
C VAL A 138 -9.03 -9.53 -19.81
N ASN A 139 -9.84 -8.99 -20.71
CA ASN A 139 -10.72 -7.87 -20.38
C ASN A 139 -11.85 -8.38 -19.51
N VAL A 140 -12.01 -7.80 -18.32
CA VAL A 140 -13.00 -8.33 -17.39
C VAL A 140 -14.42 -7.94 -17.73
N ASP A 141 -14.65 -6.97 -18.62
CA ASP A 141 -16.00 -6.60 -19.02
C ASP A 141 -15.98 -5.95 -20.38
N PRO A 142 -15.78 -6.75 -21.43
CA PRO A 142 -15.86 -6.19 -22.78
C PRO A 142 -17.22 -5.56 -23.07
N SER A 143 -18.27 -5.88 -22.31
CA SER A 143 -19.61 -5.37 -22.60
C SER A 143 -19.71 -3.88 -22.36
N GLY A 144 -18.93 -3.36 -21.40
CA GLY A 144 -19.06 -1.98 -20.98
C GLY A 144 -20.26 -1.70 -20.12
N LYS A 145 -21.06 -2.71 -19.83
CA LYS A 145 -22.31 -2.54 -19.11
C LYS A 145 -22.10 -2.39 -17.61
N TYR A 146 -20.98 -2.89 -17.08
CA TYR A 146 -20.85 -3.07 -15.63
C TYR A 146 -19.64 -2.35 -15.06
N VAL A 147 -18.45 -2.57 -15.62
CA VAL A 147 -17.22 -2.01 -15.06
C VAL A 147 -17.00 -0.60 -15.60
N VAL A 148 -16.98 0.38 -14.69
CA VAL A 148 -16.73 1.76 -15.06
C VAL A 148 -15.25 2.00 -15.33
N SER A 149 -14.37 1.54 -14.43
CA SER A 149 -12.94 1.71 -14.58
C SER A 149 -12.24 0.55 -13.86
N THR A 150 -11.03 0.23 -14.31
CA THR A 150 -10.18 -0.80 -13.74
C THR A 150 -8.85 -0.21 -13.32
N HIS A 151 -8.28 -0.73 -12.23
CA HIS A 151 -7.12 -0.11 -11.60
C HIS A 151 -6.24 -1.21 -11.01
N VAL A 152 -4.92 -1.06 -11.14
CA VAL A 152 -3.95 -1.93 -10.46
C VAL A 152 -2.92 -1.04 -9.76
N ARG A 153 -2.88 -1.13 -8.43
CA ARG A 153 -2.00 -0.33 -7.58
C ARG A 153 -0.91 -1.23 -6.98
N CYS A 154 0.32 -0.71 -6.95
CA CYS A 154 1.36 -1.36 -6.18
C CYS A 154 2.16 -0.33 -5.40
N GLY A 155 3.00 -0.81 -4.50
CA GLY A 155 3.86 0.07 -3.74
C GLY A 155 5.27 -0.47 -3.70
N ARG A 156 6.23 0.44 -3.52
CA ARG A 156 7.65 0.09 -3.45
C ARG A 156 8.40 1.03 -2.51
N SER A 157 9.29 0.43 -1.70
CA SER A 157 10.35 1.15 -1.00
C SER A 157 11.68 1.00 -1.74
N LEU A 158 12.47 2.07 -1.75
CA LEU A 158 13.74 2.08 -2.45
C LEU A 158 14.85 1.60 -1.52
N LYS A 159 15.67 0.69 -2.01
CA LYS A 159 16.70 0.08 -1.17
C LYS A 159 17.68 1.15 -0.69
N GLY A 160 18.02 1.06 0.60
CA GLY A 160 18.99 1.94 1.22
C GLY A 160 18.39 3.12 1.96
N TYR A 161 17.13 3.42 1.74
CA TYR A 161 16.49 4.54 2.39
C TYR A 161 15.63 4.06 3.52
N PRO A 162 15.61 4.79 4.64
CA PRO A 162 14.64 4.50 5.69
C PRO A 162 13.23 4.76 5.17
N PHE A 163 12.23 4.36 5.94
CA PHE A 163 10.85 4.64 5.55
C PHE A 163 10.45 6.01 6.14
N ASN A 164 9.25 6.49 5.82
CA ASN A 164 8.88 7.86 6.16
C ASN A 164 9.04 8.22 7.63
N PRO A 165 8.87 7.32 8.60
CA PRO A 165 9.12 7.72 9.99
C PRO A 165 10.54 8.18 10.29
N CYS A 166 11.54 7.82 9.47
CA CYS A 166 12.94 8.07 9.80
C CYS A 166 13.72 8.71 8.65
N LEU A 167 13.06 9.19 7.63
CA LEU A 167 13.73 9.91 6.57
C LEU A 167 14.07 11.31 7.05
N THR A 168 15.24 11.79 6.64
CA THR A 168 15.64 13.16 6.94
C THR A 168 15.20 14.09 5.82
N GLU A 169 15.24 15.40 6.09
CA GLU A 169 14.93 16.34 5.03
C GLU A 169 15.82 16.08 3.83
N ALA A 170 17.13 15.88 4.06
CA ALA A 170 18.07 15.62 2.97
C ALA A 170 17.77 14.31 2.21
N ASN A 171 17.43 13.23 2.92
CA ASN A 171 16.97 12.01 2.25
C ASN A 171 15.82 12.32 1.30
N TYR A 172 14.74 12.90 1.83
CA TYR A 172 13.59 13.23 1.00
C TYR A 172 14.01 13.97 -0.26
N LYS A 173 14.83 15.02 -0.08
CA LYS A 173 15.30 15.81 -1.21
C LYS A 173 16.06 14.95 -2.21
N GLU A 174 17.02 14.17 -1.73
CA GLU A 174 17.83 13.33 -2.61
C GLU A 174 16.99 12.29 -3.31
N MET A 175 16.07 11.67 -2.57
CA MET A 175 15.20 10.67 -3.21
C MET A 175 14.36 11.29 -4.32
N GLU A 176 13.78 12.46 -4.07
CA GLU A 176 12.98 13.10 -5.09
C GLU A 176 13.82 13.41 -6.32
N ASP A 177 15.06 13.84 -6.12
CA ASP A 177 15.95 14.13 -7.23
C ASP A 177 16.20 12.90 -8.08
N LYS A 178 16.43 11.74 -7.45
CA LYS A 178 16.68 10.54 -8.22
C LYS A 178 15.42 10.06 -8.92
N VAL A 179 14.29 10.08 -8.21
CA VAL A 179 13.01 9.62 -8.78
C VAL A 179 12.56 10.54 -9.92
N SER A 180 12.59 11.85 -9.72
CA SER A 180 12.17 12.73 -10.81
C SER A 180 13.07 12.56 -12.02
N ALA A 181 14.37 12.35 -11.80
CA ALA A 181 15.26 12.07 -12.91
C ALA A 181 14.78 10.85 -13.72
N ILE A 182 14.43 9.76 -13.05
CA ILE A 182 13.96 8.57 -13.76
C ILE A 182 12.68 8.88 -14.54
N PHE A 183 11.73 9.54 -13.90
CA PHE A 183 10.48 9.83 -14.59
C PHE A 183 10.71 10.60 -15.88
N GLY A 184 11.71 11.48 -15.89
CA GLY A 184 12.04 12.24 -17.09
C GLY A 184 12.42 11.39 -18.28
N THR A 185 12.92 10.17 -18.05
CA THR A 185 13.30 9.26 -19.13
C THR A 185 12.13 8.44 -19.67
N PHE A 186 10.98 8.45 -19.01
CA PHE A 186 9.85 7.68 -19.49
C PHE A 186 9.46 8.09 -20.91
N GLU A 187 9.30 7.12 -21.81
CA GLU A 187 8.83 7.42 -23.16
C GLU A 187 7.62 6.55 -23.46
N GLY A 188 7.07 6.71 -24.67
CA GLY A 188 5.96 5.89 -25.06
C GLY A 188 4.72 6.31 -24.30
N GLU A 189 3.90 5.32 -23.95
CA GLU A 189 2.66 5.57 -23.21
C GLU A 189 2.92 6.06 -21.78
N LEU A 190 4.14 5.89 -21.23
CA LEU A 190 4.52 6.35 -19.90
C LEU A 190 4.99 7.80 -19.87
N LYS A 191 5.24 8.42 -21.02
CA LYS A 191 5.76 9.77 -21.03
C LYS A 191 4.73 10.74 -20.47
N GLY A 192 5.16 11.58 -19.54
CA GLY A 192 4.32 12.53 -18.84
C GLY A 192 5.13 13.60 -18.13
N LYS A 193 4.66 14.01 -16.97
CA LYS A 193 5.18 15.16 -16.25
C LYS A 193 5.24 14.87 -14.77
N TYR A 194 6.31 15.31 -14.13
CA TYR A 194 6.40 15.30 -12.68
C TYR A 194 5.98 16.66 -12.12
N TYR A 195 5.15 16.62 -11.08
CA TYR A 195 4.75 17.79 -10.30
C TYR A 195 5.23 17.68 -8.85
N PRO A 196 6.28 18.43 -8.48
CA PRO A 196 6.67 18.51 -7.05
C PRO A 196 5.59 19.19 -6.23
N LEU A 197 5.35 18.66 -5.02
CA LEU A 197 4.43 19.37 -4.13
C LEU A 197 5.07 20.67 -3.64
N THR A 198 6.39 20.69 -3.53
CA THR A 198 7.11 21.87 -3.07
C THR A 198 6.96 22.96 -4.12
N GLY A 199 6.40 24.09 -3.73
CA GLY A 199 6.24 25.19 -4.66
C GLY A 199 5.14 24.97 -5.67
N MET A 200 4.22 24.03 -5.41
CA MET A 200 3.09 23.83 -6.30
C MET A 200 2.10 24.98 -6.15
N ASP A 201 1.68 25.56 -7.27
CA ASP A 201 0.76 26.69 -7.25
C ASP A 201 -0.68 26.19 -7.21
N LYS A 202 -1.60 27.07 -6.77
CA LYS A 202 -2.99 26.68 -6.54
C LYS A 202 -3.70 26.24 -7.82
N ALA A 203 -3.29 26.76 -8.99
CA ALA A 203 -3.91 26.35 -10.26
C ALA A 203 -3.50 24.94 -10.63
N THR A 204 -2.21 24.63 -10.49
CA THR A 204 -1.74 23.27 -10.66
C THR A 204 -2.49 22.32 -9.72
N GLN A 205 -2.60 22.69 -8.43
CA GLN A 205 -3.33 21.85 -7.47
C GLN A 205 -4.74 21.60 -7.96
N GLN A 206 -5.44 22.64 -8.40
CA GLN A 206 -6.81 22.44 -8.84
C GLN A 206 -6.87 21.53 -10.06
N GLN A 207 -5.90 21.67 -10.96
CA GLN A 207 -5.82 20.78 -12.11
C GLN A 207 -5.73 19.33 -11.66
N LEU A 208 -4.92 19.05 -10.63
CA LEU A 208 -4.69 17.69 -10.18
C LEU A 208 -5.87 17.15 -9.36
N ILE A 209 -6.51 18.02 -8.57
CA ILE A 209 -7.75 17.65 -7.89
C ILE A 209 -8.81 17.22 -8.90
N ASP A 210 -8.94 17.96 -10.00
CA ASP A 210 -9.94 17.60 -11.02
C ASP A 210 -9.67 16.23 -11.60
N ASP A 211 -8.41 15.82 -11.64
CA ASP A 211 -8.00 14.50 -12.11
C ASP A 211 -8.04 13.43 -11.01
N HIS A 212 -8.33 13.82 -9.76
CA HIS A 212 -8.23 12.94 -8.60
C HIS A 212 -6.80 12.44 -8.40
N PHE A 213 -5.81 13.23 -8.81
CA PHE A 213 -4.41 12.85 -8.75
C PHE A 213 -3.64 13.51 -7.60
N LEU A 214 -4.26 14.37 -6.80
CA LEU A 214 -3.55 15.11 -5.78
C LEU A 214 -3.63 14.40 -4.46
N PHE A 215 -2.51 14.38 -3.73
CA PHE A 215 -2.53 14.02 -2.33
C PHE A 215 -2.05 15.19 -1.49
N LYS A 216 -2.46 15.16 -0.22
CA LYS A 216 -2.24 16.19 0.78
C LYS A 216 -1.49 15.60 1.97
N GLU A 217 -1.22 16.47 2.95
CA GLU A 217 -0.55 16.02 4.15
C GLU A 217 -1.40 14.96 4.83
N GLY A 218 -0.73 14.01 5.45
CA GLY A 218 -1.42 12.90 6.05
C GLY A 218 -2.28 13.29 7.23
N ASP A 219 -3.23 12.41 7.53
CA ASP A 219 -4.10 12.60 8.67
C ASP A 219 -3.37 12.22 9.95
N ARG A 220 -4.13 12.17 11.05
CA ARG A 220 -3.54 12.06 12.38
C ARG A 220 -2.84 10.72 12.58
N PHE A 221 -3.29 9.69 11.85
CA PHE A 221 -2.61 8.39 11.95
C PHE A 221 -1.20 8.47 11.39
N LEU A 222 -1.06 9.11 10.23
CA LEU A 222 0.26 9.34 9.67
C LEU A 222 1.03 10.37 10.45
N GLN A 223 0.38 11.43 10.95
CA GLN A 223 1.14 12.44 11.70
C GLN A 223 1.80 11.81 12.92
N ALA A 224 1.01 11.06 13.68
CA ALA A 224 1.53 10.46 14.91
C ALA A 224 2.63 9.42 14.62
N ALA A 225 2.72 8.96 13.38
CA ALA A 225 3.76 8.03 12.93
C ALA A 225 5.02 8.73 12.48
N ASN A 226 5.07 10.06 12.51
CA ASN A 226 6.20 10.83 12.02
C ASN A 226 6.45 10.65 10.53
N ALA A 227 5.37 10.40 9.77
CA ALA A 227 5.43 10.21 8.32
C ALA A 227 5.30 11.49 7.51
N CYS A 228 4.94 12.61 8.13
CA CYS A 228 4.67 13.82 7.38
C CYS A 228 5.66 14.93 7.73
N ARG A 229 6.81 14.58 8.30
CA ARG A 229 7.86 15.55 8.61
C ARG A 229 8.36 16.24 7.35
N TYR A 230 8.67 17.54 7.49
CA TYR A 230 9.29 18.34 6.44
C TYR A 230 8.39 18.44 5.22
N TRP A 231 7.10 18.37 5.45
CA TRP A 231 6.16 18.45 4.35
C TRP A 231 6.30 19.82 3.68
N PRO A 232 6.30 19.91 2.35
CA PRO A 232 6.13 18.86 1.35
C PRO A 232 7.44 18.40 0.71
N THR A 233 8.56 18.56 1.40
CA THR A 233 9.85 18.24 0.80
C THR A 233 9.96 16.77 0.40
N GLY A 234 10.36 16.51 -0.84
CA GLY A 234 10.47 15.15 -1.34
C GLY A 234 9.18 14.51 -1.78
N ARG A 235 8.04 15.20 -1.67
CA ARG A 235 6.74 14.68 -2.10
C ARG A 235 6.33 15.24 -3.46
N GLY A 236 5.72 14.37 -4.28
CA GLY A 236 5.39 14.75 -5.64
C GLY A 236 4.52 13.74 -6.35
N ILE A 237 4.02 14.18 -7.52
CA ILE A 237 3.07 13.45 -8.34
C ILE A 237 3.60 13.36 -9.77
N TYR A 238 3.55 12.16 -10.35
CA TYR A 238 3.82 11.95 -11.76
C TYR A 238 2.61 11.30 -12.43
N HIS A 239 2.35 11.69 -13.67
CA HIS A 239 1.31 11.07 -14.47
C HIS A 239 1.63 11.21 -15.96
N ASN A 240 1.21 10.21 -16.72
CA ASN A 240 1.50 10.18 -18.13
C ASN A 240 0.48 11.05 -18.83
N ASP A 241 0.81 11.43 -20.06
CA ASP A 241 -0.06 12.35 -20.78
C ASP A 241 -1.46 11.77 -20.93
N ALA A 242 -1.56 10.45 -21.12
CA ALA A 242 -2.85 9.81 -21.31
C ALA A 242 -3.68 9.78 -20.05
N LYS A 243 -3.11 10.14 -18.90
CA LYS A 243 -3.78 10.02 -17.60
C LYS A 243 -4.29 8.61 -17.35
N THR A 244 -3.50 7.62 -17.75
CA THR A 244 -3.74 6.22 -17.40
C THR A 244 -2.64 5.66 -16.51
N PHE A 245 -1.77 6.51 -15.99
CA PHE A 245 -0.65 6.10 -15.17
C PHE A 245 -0.30 7.21 -14.20
N LEU A 246 -0.18 6.86 -12.93
CA LEU A 246 0.04 7.80 -11.84
C LEU A 246 0.98 7.22 -10.81
N VAL A 247 1.88 8.05 -10.31
CA VAL A 247 2.81 7.69 -9.24
C VAL A 247 2.74 8.76 -8.16
N TRP A 248 2.61 8.35 -6.92
CA TRP A 248 2.79 9.24 -5.79
C TRP A 248 4.13 8.96 -5.13
N VAL A 249 4.91 10.02 -4.96
CA VAL A 249 6.22 9.98 -4.35
C VAL A 249 6.10 10.50 -2.92
N ASN A 250 6.35 9.59 -1.97
CA ASN A 250 6.48 9.85 -0.54
C ASN A 250 5.16 10.31 0.11
N GLU A 251 4.04 9.79 -0.40
CA GLU A 251 2.73 10.03 0.20
C GLU A 251 2.49 9.17 1.43
N GLU A 252 2.88 7.90 1.37
CA GLU A 252 2.84 6.96 2.48
C GLU A 252 4.04 6.03 2.33
N ASP A 253 4.17 5.43 1.16
CA ASP A 253 5.39 4.74 0.76
C ASP A 253 6.26 5.66 -0.10
N HIS A 254 7.51 5.26 -0.29
CA HIS A 254 8.39 5.97 -1.20
C HIS A 254 7.73 6.15 -2.57
N LEU A 255 7.18 5.06 -3.11
CA LEU A 255 6.51 5.06 -4.40
C LEU A 255 5.19 4.34 -4.28
N ARG A 256 4.13 5.01 -4.68
CA ARG A 256 2.86 4.36 -5.00
C ARG A 256 2.61 4.48 -6.50
N ILE A 257 2.47 3.34 -7.17
CA ILE A 257 2.42 3.25 -8.62
C ILE A 257 1.07 2.67 -9.03
N ILE A 258 0.29 3.44 -9.77
CA ILE A 258 -1.04 3.04 -10.21
C ILE A 258 -1.16 3.12 -11.74
N SER A 259 -1.77 2.08 -12.31
CA SER A 259 -2.18 2.03 -13.71
C SER A 259 -3.69 1.86 -13.74
N MET A 260 -4.37 2.62 -14.59
CA MET A 260 -5.84 2.63 -14.58
C MET A 260 -6.38 3.21 -15.88
N GLN A 261 -7.68 2.97 -16.10
CA GLN A 261 -8.36 3.50 -17.28
C GLN A 261 -9.83 3.12 -17.23
N LYS A 262 -10.63 3.80 -18.07
CA LYS A 262 -12.03 3.47 -18.21
C LYS A 262 -12.14 2.10 -18.87
N GLY A 263 -13.19 1.39 -18.54
CA GLY A 263 -13.41 0.06 -19.06
C GLY A 263 -12.78 -1.02 -18.22
N GLY A 264 -12.55 -2.17 -18.84
CA GLY A 264 -12.08 -3.35 -18.14
C GLY A 264 -10.88 -4.04 -18.73
N ASP A 265 -10.04 -3.30 -19.44
CA ASP A 265 -8.89 -3.89 -20.13
C ASP A 265 -7.75 -4.13 -19.14
N LEU A 266 -7.97 -5.11 -18.26
CA LEU A 266 -6.97 -5.46 -17.26
C LEU A 266 -5.65 -5.84 -17.90
N LYS A 267 -5.66 -6.42 -19.10
CA LYS A 267 -4.40 -6.82 -19.71
C LYS A 267 -3.53 -5.60 -19.98
N THR A 268 -4.04 -4.64 -20.74
CA THR A 268 -3.27 -3.46 -21.03
C THR A 268 -2.83 -2.75 -19.75
N ILE A 269 -3.71 -2.73 -18.75
CA ILE A 269 -3.46 -1.98 -17.52
C ILE A 269 -2.31 -2.60 -16.75
N PHE A 270 -2.39 -3.90 -16.55
CA PHE A 270 -1.36 -4.59 -15.80
C PHE A 270 -0.02 -4.54 -16.52
N GLN A 271 -0.04 -4.66 -17.85
CA GLN A 271 1.23 -4.65 -18.58
C GLN A 271 1.87 -3.29 -18.49
N ARG A 272 1.06 -2.24 -18.47
CA ARG A 272 1.63 -0.92 -18.29
C ARG A 272 2.33 -0.81 -16.94
N LEU A 273 1.67 -1.31 -15.90
CA LEU A 273 2.24 -1.22 -14.55
C LEU A 273 3.59 -1.92 -14.51
N VAL A 274 3.64 -3.15 -15.06
CA VAL A 274 4.85 -3.97 -15.05
C VAL A 274 5.97 -3.29 -15.85
N ASN A 275 5.68 -2.83 -17.07
CA ASN A 275 6.67 -2.07 -17.81
C ASN A 275 7.22 -0.93 -16.95
N ALA A 276 6.33 -0.22 -16.27
CA ALA A 276 6.76 0.93 -15.48
C ALA A 276 7.64 0.50 -14.31
N VAL A 277 7.17 -0.47 -13.54
CA VAL A 277 7.95 -0.92 -12.39
C VAL A 277 9.32 -1.43 -12.83
N ASN A 278 9.35 -2.23 -13.89
CA ASN A 278 10.64 -2.73 -14.41
C ASN A 278 11.56 -1.60 -14.83
N THR A 279 11.02 -0.58 -15.49
CA THR A 279 11.82 0.57 -15.90
C THR A 279 12.43 1.26 -14.68
N ILE A 280 11.60 1.49 -13.65
CA ILE A 280 12.11 2.11 -12.43
C ILE A 280 13.18 1.24 -11.79
N GLU A 281 12.89 -0.06 -11.65
CA GLU A 281 13.81 -0.94 -10.95
C GLU A 281 15.20 -0.95 -11.62
N SER A 282 15.25 -0.84 -12.95
CA SER A 282 16.52 -0.90 -13.66
C SER A 282 17.49 0.17 -13.19
N LYS A 283 16.98 1.27 -12.65
CA LYS A 283 17.81 2.35 -12.16
C LYS A 283 17.85 2.43 -10.65
N LEU A 284 16.80 2.03 -9.95
CA LEU A 284 16.74 2.13 -8.49
C LEU A 284 16.28 0.81 -7.92
N PRO A 285 17.10 0.10 -7.14
CA PRO A 285 16.66 -1.18 -6.60
C PRO A 285 15.62 -0.99 -5.50
N PHE A 286 14.73 -1.95 -5.40
CA PHE A 286 13.67 -1.94 -4.39
C PHE A 286 14.08 -2.71 -3.14
N SER A 287 13.40 -2.41 -2.04
CA SER A 287 13.57 -3.15 -0.79
C SER A 287 12.61 -4.33 -0.76
N ARG A 288 13.15 -5.54 -0.66
CA ARG A 288 12.36 -6.78 -0.66
C ARG A 288 12.96 -7.75 0.34
N ASP A 289 12.09 -8.46 1.07
CA ASP A 289 12.48 -9.43 2.09
C ASP A 289 12.07 -10.83 1.65
N ASP A 290 12.94 -11.82 1.88
CA ASP A 290 12.63 -13.16 1.41
C ASP A 290 11.39 -13.69 2.10
N ARG A 291 11.16 -13.34 3.37
CA ARG A 291 9.97 -13.85 4.00
C ARG A 291 8.71 -13.05 3.66
N LEU A 292 8.81 -11.71 3.62
CA LEU A 292 7.63 -10.85 3.55
C LEU A 292 7.35 -10.30 2.15
N GLY A 293 8.26 -10.51 1.19
CA GLY A 293 8.14 -9.85 -0.07
C GLY A 293 8.49 -8.35 -0.01
N PHE A 294 7.82 -7.58 -0.84
CA PHE A 294 8.12 -6.14 -0.94
C PHE A 294 7.76 -5.41 0.34
N LEU A 295 8.73 -4.69 0.90
CA LEU A 295 8.55 -4.04 2.18
C LEU A 295 7.95 -2.65 2.04
N THR A 296 6.97 -2.39 2.89
CA THR A 296 6.14 -1.21 2.82
C THR A 296 6.03 -0.62 4.21
N PHE A 297 5.67 0.65 4.23
CA PHE A 297 5.55 1.39 5.48
C PHE A 297 4.44 0.81 6.37
N CYS A 298 3.30 0.45 5.78
CA CYS A 298 2.23 -0.20 6.55
C CYS A 298 2.28 -1.71 6.34
N PRO A 299 2.14 -2.50 7.40
CA PRO A 299 2.12 -3.97 7.24
C PRO A 299 0.98 -4.53 6.42
N THR A 300 -0.07 -3.75 6.15
CA THR A 300 -1.14 -4.25 5.32
C THR A 300 -0.76 -4.37 3.86
N ASN A 301 0.29 -3.68 3.41
CA ASN A 301 0.64 -3.59 1.99
C ASN A 301 1.82 -4.51 1.60
N LEU A 302 2.10 -5.51 2.40
CA LEU A 302 3.30 -6.31 2.20
C LEU A 302 3.11 -7.29 1.03
N GLY A 303 4.12 -8.14 0.81
CA GLY A 303 4.04 -9.21 -0.18
C GLY A 303 4.09 -8.77 -1.64
N THR A 304 2.96 -8.93 -2.33
CA THR A 304 2.83 -8.42 -3.68
C THR A 304 2.69 -6.90 -3.70
N THR A 305 2.13 -6.33 -2.63
CA THR A 305 1.62 -4.96 -2.55
C THR A 305 0.41 -4.72 -3.46
N ILE A 306 -0.05 -5.73 -4.19
CA ILE A 306 -0.98 -5.49 -5.30
C ILE A 306 -2.38 -5.23 -4.78
N ARG A 307 -3.01 -4.18 -5.30
CA ARG A 307 -4.44 -3.96 -5.07
C ARG A 307 -5.06 -3.73 -6.44
N ALA A 308 -5.69 -4.79 -6.96
CA ALA A 308 -6.32 -4.81 -8.27
C ALA A 308 -7.80 -4.65 -8.04
N SER A 309 -8.40 -3.69 -8.72
CA SER A 309 -9.80 -3.38 -8.44
C SER A 309 -10.49 -2.87 -9.69
N VAL A 310 -11.82 -2.95 -9.65
CA VAL A 310 -12.72 -2.34 -10.60
C VAL A 310 -13.69 -1.43 -9.84
N HIS A 311 -14.11 -0.32 -10.47
CA HIS A 311 -15.33 0.40 -10.08
C HIS A 311 -16.46 -0.19 -10.94
N ILE A 312 -17.45 -0.79 -10.29
CA ILE A 312 -18.37 -1.68 -10.99
C ILE A 312 -19.76 -1.50 -10.39
N ALA A 313 -20.78 -1.55 -11.26
CA ALA A 313 -22.18 -1.54 -10.82
C ALA A 313 -22.81 -2.91 -11.09
N LEU A 314 -23.34 -3.55 -10.04
CA LEU A 314 -24.02 -4.83 -10.12
C LEU A 314 -25.41 -4.66 -9.50
N PRO A 315 -26.32 -4.04 -10.22
CA PRO A 315 -27.64 -3.72 -9.63
C PRO A 315 -28.36 -4.93 -9.07
N LYS A 316 -28.43 -6.03 -9.82
CA LYS A 316 -29.12 -7.20 -9.30
C LYS A 316 -28.43 -7.76 -8.05
N LEU A 317 -27.13 -8.07 -8.16
CA LEU A 317 -26.43 -8.68 -7.03
C LEU A 317 -26.39 -7.77 -5.81
N ALA A 318 -26.41 -6.44 -6.03
CA ALA A 318 -26.28 -5.49 -4.94
C ALA A 318 -27.58 -5.18 -4.25
N LYS A 319 -28.73 -5.63 -4.77
CA LYS A 319 -30.02 -5.40 -4.11
C LYS A 319 -30.18 -6.26 -2.86
N ASP A 320 -29.07 -6.77 -2.36
CA ASP A 320 -28.96 -7.68 -1.24
C ASP A 320 -27.52 -7.59 -0.75
N LYS A 321 -27.13 -6.42 -0.27
CA LYS A 321 -25.72 -6.11 -0.04
C LYS A 321 -25.04 -7.17 0.81
N LYS A 322 -25.78 -7.83 1.69
CA LYS A 322 -25.19 -8.91 2.48
C LYS A 322 -24.80 -10.08 1.59
N GLN A 323 -25.57 -10.34 0.53
CA GLN A 323 -25.21 -11.41 -0.37
C GLN A 323 -24.18 -10.95 -1.38
N LEU A 324 -24.20 -9.67 -1.76
CA LEU A 324 -23.14 -9.13 -2.57
C LEU A 324 -21.81 -9.28 -1.85
N GLU A 325 -21.76 -8.84 -0.59
CA GLU A 325 -20.56 -9.02 0.20
C GLU A 325 -20.23 -10.49 0.38
N ALA A 326 -21.28 -11.31 0.54
CA ALA A 326 -21.06 -12.74 0.65
C ALA A 326 -20.46 -13.29 -0.63
N ILE A 327 -20.92 -12.80 -1.78
CA ILE A 327 -20.41 -13.31 -3.06
C ILE A 327 -18.95 -12.92 -3.25
N ALA A 328 -18.65 -11.63 -3.13
CA ALA A 328 -17.26 -11.22 -3.22
C ALA A 328 -16.41 -12.07 -2.28
N ALA A 329 -16.87 -12.26 -1.05
CA ALA A 329 -16.11 -13.00 -0.07
C ALA A 329 -15.77 -14.41 -0.55
N LYS A 330 -16.62 -15.03 -1.37
CA LYS A 330 -16.30 -16.38 -1.84
C LYS A 330 -15.17 -16.38 -2.85
N PHE A 331 -15.05 -15.31 -3.64
CA PHE A 331 -13.98 -15.17 -4.62
C PHE A 331 -12.73 -14.46 -4.05
N ASN A 332 -12.65 -14.30 -2.74
CA ASN A 332 -11.51 -13.66 -2.05
C ASN A 332 -11.42 -12.18 -2.43
N LEU A 333 -12.59 -11.56 -2.56
CA LEU A 333 -12.71 -10.16 -2.95
C LEU A 333 -13.27 -9.34 -1.80
N GLN A 334 -12.97 -8.04 -1.84
CA GLN A 334 -13.44 -7.08 -0.85
C GLN A 334 -14.19 -5.96 -1.55
N VAL A 335 -15.37 -5.65 -1.03
CA VAL A 335 -16.23 -4.60 -1.57
C VAL A 335 -16.05 -3.35 -0.72
N ARG A 336 -15.92 -2.20 -1.36
CA ARG A 336 -15.81 -0.94 -0.66
C ARG A 336 -16.54 0.13 -1.45
N GLY A 337 -16.36 1.38 -1.05
CA GLY A 337 -16.94 2.51 -1.74
C GLY A 337 -16.06 3.07 -2.84
N GLY A 348 -24.53 3.16 -6.08
CA GLY A 348 -24.56 2.21 -7.19
C GLY A 348 -23.23 1.53 -7.49
N VAL A 349 -22.21 2.33 -7.81
CA VAL A 349 -20.91 1.85 -8.27
C VAL A 349 -20.02 1.58 -7.06
N TYR A 350 -19.56 0.34 -6.92
CA TYR A 350 -18.70 -0.11 -5.84
C TYR A 350 -17.28 -0.38 -6.35
N ASP A 351 -16.31 -0.35 -5.42
CA ASP A 351 -14.92 -0.76 -5.65
C ASP A 351 -14.75 -2.17 -5.15
N ILE A 352 -14.52 -3.11 -6.06
CA ILE A 352 -14.27 -4.49 -5.70
C ILE A 352 -12.83 -4.82 -6.01
N SER A 353 -12.13 -5.35 -5.00
CA SER A 353 -10.70 -5.62 -5.10
C SER A 353 -10.34 -6.94 -4.46
N ASN A 354 -9.16 -7.44 -4.85
CA ASN A 354 -8.54 -8.59 -4.20
C ASN A 354 -8.16 -8.23 -2.76
N LYS A 355 -8.59 -9.07 -1.82
CA LYS A 355 -8.22 -8.90 -0.40
C LYS A 355 -6.81 -9.40 -0.09
N ARG A 356 -6.33 -10.39 -0.85
CA ARG A 356 -5.07 -11.03 -0.51
C ARG A 356 -3.88 -10.28 -1.11
N ARG A 357 -2.85 -10.06 -0.27
CA ARG A 357 -1.58 -9.42 -0.63
C ARG A 357 -0.38 -10.36 -0.46
N MET A 358 -0.41 -11.21 0.55
CA MET A 358 0.73 -12.04 0.89
C MET A 358 0.40 -13.51 0.64
N GLY A 359 1.43 -14.29 0.30
CA GLY A 359 1.30 -15.75 0.15
C GLY A 359 0.97 -16.21 -1.26
N LEU A 360 0.85 -15.27 -2.19
CA LEU A 360 0.47 -15.50 -3.58
C LEU A 360 1.32 -14.57 -4.44
N THR A 361 1.49 -14.94 -5.71
CA THR A 361 2.30 -14.11 -6.58
C THR A 361 1.48 -12.93 -7.10
N GLU A 362 2.18 -11.99 -7.74
CA GLU A 362 1.53 -10.85 -8.37
C GLU A 362 0.54 -11.32 -9.41
N TYR A 363 0.95 -12.26 -10.27
CA TYR A 363 0.01 -12.90 -11.18
C TYR A 363 -1.22 -13.46 -10.48
N GLN A 364 -1.02 -14.33 -9.48
CA GLN A 364 -2.17 -14.95 -8.82
C GLN A 364 -3.09 -13.89 -8.22
N ALA A 365 -2.53 -12.81 -7.68
CA ALA A 365 -3.38 -11.77 -7.11
C ALA A 365 -4.25 -11.10 -8.18
N VAL A 366 -3.65 -10.68 -9.29
CA VAL A 366 -4.42 -10.07 -10.38
C VAL A 366 -5.41 -11.06 -10.97
N LYS A 367 -5.00 -12.31 -11.15
CA LYS A 367 -5.88 -13.32 -11.72
C LYS A 367 -7.06 -13.62 -10.80
N GLU A 368 -6.88 -13.47 -9.49
CA GLU A 368 -7.98 -13.67 -8.55
C GLU A 368 -9.03 -12.56 -8.68
N MET A 369 -8.61 -11.29 -8.75
CA MET A 369 -9.58 -10.23 -9.03
C MET A 369 -10.32 -10.50 -10.34
N GLN A 370 -9.55 -10.81 -11.40
CA GLN A 370 -10.11 -11.02 -12.74
C GLN A 370 -11.13 -12.14 -12.76
N ASP A 371 -10.77 -13.31 -12.18
CA ASP A 371 -11.68 -14.47 -12.17
C ASP A 371 -12.90 -14.18 -11.32
N GLY A 372 -12.70 -13.52 -10.15
CA GLY A 372 -13.85 -13.12 -9.34
C GLY A 372 -14.77 -12.16 -10.05
N ILE A 373 -14.21 -11.16 -10.71
CA ILE A 373 -15.08 -10.20 -11.41
C ILE A 373 -15.79 -10.87 -12.58
N LEU A 374 -15.06 -11.69 -13.36
CA LEU A 374 -15.72 -12.42 -14.43
C LEU A 374 -16.91 -13.23 -13.90
N GLU A 375 -16.74 -13.89 -12.76
CA GLU A 375 -17.83 -14.72 -12.22
C GLU A 375 -19.01 -13.86 -11.74
N MET A 376 -18.73 -12.76 -11.04
CA MET A 376 -19.82 -11.95 -10.55
C MET A 376 -20.63 -11.36 -11.70
N ILE A 377 -19.96 -11.04 -12.82
CA ILE A 377 -20.66 -10.52 -13.99
C ILE A 377 -21.52 -11.62 -14.61
N LYS A 378 -21.00 -12.84 -14.68
CA LYS A 378 -21.82 -13.97 -15.12
C LYS A 378 -23.07 -14.08 -14.27
N MET A 379 -22.92 -13.94 -12.95
CA MET A 379 -24.07 -14.04 -12.06
C MET A 379 -25.05 -12.91 -12.31
N GLU A 380 -24.54 -11.69 -12.44
CA GLU A 380 -25.41 -10.53 -12.67
C GLU A 380 -26.15 -10.67 -13.99
N GLU A 381 -25.47 -11.14 -15.02
CA GLU A 381 -26.06 -11.30 -16.33
C GLU A 381 -27.08 -12.42 -16.37
N ALA A 382 -26.97 -13.42 -15.48
CA ALA A 382 -27.94 -14.51 -15.42
C ALA A 382 -29.02 -14.28 -14.37
N ALA A 383 -28.87 -13.29 -13.50
CA ALA A 383 -29.88 -13.06 -12.47
C ALA A 383 -31.14 -12.44 -13.09
N PRO A 384 -32.30 -12.59 -12.44
CA PRO A 384 -33.52 -12.10 -13.09
C PRO A 384 -33.61 -10.58 -13.15
#